data_8ERD
#
_entry.id   8ERD
#
_cell.length_a   53.744
_cell.length_b   72.008
_cell.length_c   72.015
_cell.angle_alpha   90.000
_cell.angle_beta   90.000
_cell.angle_gamma   90.000
#
_symmetry.space_group_name_H-M   'P 21 21 21'
#
loop_
_entity.id
_entity.type
_entity.pdbx_description
1 polymer 'Cyclin-dependent kinase 2'
2 non-polymer (2-{[1-(methanesulfonyl)piperidin-4-yl]amino}quinazolin-7-yl)[(2S)-2-methylpyrrolidin-1-yl]methanone
3 water water
#
_entity_poly.entity_id   1
_entity_poly.type   'polypeptide(L)'
_entity_poly.pdbx_seq_one_letter_code
;FMENFQKVEKIGEGTYGVVYKARNKLTGEVVALKKIRLDTETEGVPSTAIREISLLKELNHPNIVKLLDVIHTENKLYLV
FEFLHQDLKKFMDASALTGIPLPLIKSYLFQLLQGLAFCHSHRVLHRDLKPQNLLINTEGAIKLADFGLARAFGVPVRTY
THEVVTLWYRAPEILLGCKYYSTAVDIWSLGCIFAEMVTRRALFPGDSEIDQLFRIFRTLGTPDEVVWPGVTSMPDYKPS
FPKWARQDFSKVVPPLDEDGRSLLSQMLHYDPNKRISAKAALAHPFFQDVTKPVPHLRL
;
_entity_poly.pdbx_strand_id   A
#
loop_
_chem_comp.id
_chem_comp.type
_chem_comp.name
_chem_comp.formula
WQ6 non-polymer (2-{[1-(methanesulfonyl)piperidin-4-yl]amino}quinazolin-7-yl)[(2S)-2-methylpyrrolidin-1-yl]methanone 'C20 H27 N5 O3 S'
#
# COMPACT_ATOMS: atom_id res chain seq x y z
N PHE A 1 15.45 0.95 26.32
CA PHE A 1 15.26 -0.03 25.26
C PHE A 1 13.95 -0.75 25.49
N MET A 2 13.96 -2.08 25.31
CA MET A 2 12.73 -2.82 25.56
C MET A 2 12.26 -2.62 26.99
N GLU A 3 13.21 -2.56 27.94
CA GLU A 3 12.84 -2.22 29.30
C GLU A 3 12.20 -0.84 29.39
N ASN A 4 12.41 0.03 28.39
CA ASN A 4 11.83 1.36 28.44
C ASN A 4 10.40 1.42 27.87
N PHE A 5 9.83 0.28 27.48
CA PHE A 5 8.50 0.24 26.89
C PHE A 5 7.64 -0.76 27.64
N GLN A 6 6.43 -0.35 27.98
CA GLN A 6 5.45 -1.22 28.60
C GLN A 6 4.50 -1.66 27.50
N LYS A 7 4.47 -2.96 27.22
CA LYS A 7 3.52 -3.47 26.23
C LYS A 7 2.11 -3.30 26.75
N VAL A 8 1.22 -2.80 25.89
CA VAL A 8 -0.20 -2.69 26.20
C VAL A 8 -0.97 -3.89 25.65
N GLU A 9 -0.86 -4.14 24.35
CA GLU A 9 -1.49 -5.31 23.76
C GLU A 9 -0.84 -5.58 22.42
N LYS A 10 -0.90 -6.84 22.01
CA LYS A 10 -0.45 -7.19 20.68
C LYS A 10 -1.46 -6.65 19.67
N ILE A 11 -0.99 -5.91 18.67
CA ILE A 11 -1.89 -5.38 17.65
C ILE A 11 -1.66 -5.99 16.29
N GLY A 12 -0.73 -6.92 16.17
CA GLY A 12 -0.51 -7.48 14.86
C GLY A 12 0.56 -8.54 14.84
N GLU A 13 0.40 -9.48 13.91
CA GLU A 13 1.36 -10.56 13.68
C GLU A 13 1.62 -10.61 12.18
N GLY A 14 2.89 -10.78 11.81
CA GLY A 14 3.28 -10.73 10.41
C GLY A 14 4.38 -11.74 10.11
N THR A 15 4.81 -11.71 8.85
CA THR A 15 5.92 -12.56 8.45
C THR A 15 7.23 -12.07 9.05
N TYR A 16 7.40 -10.75 9.12
CA TYR A 16 8.63 -10.17 9.67
C TYR A 16 8.64 -10.25 11.19
N GLY A 17 7.62 -9.70 11.83
CA GLY A 17 7.58 -9.73 13.28
C GLY A 17 6.23 -9.24 13.78
N VAL A 18 6.10 -9.25 15.08
CA VAL A 18 4.88 -8.89 15.77
C VAL A 18 4.92 -7.41 16.10
N VAL A 19 3.75 -6.79 16.16
CA VAL A 19 3.66 -5.37 16.49
C VAL A 19 2.78 -5.24 17.73
N TYR A 20 3.24 -4.44 18.69
CA TYR A 20 2.51 -4.23 19.93
C TYR A 20 2.20 -2.75 20.08
N LYS A 21 1.04 -2.44 20.66
CA LYS A 21 0.84 -1.11 21.20
C LYS A 21 1.57 -1.07 22.53
N ALA A 22 2.35 -0.01 22.75
CA ALA A 22 3.20 0.06 23.93
C ALA A 22 3.31 1.50 24.41
N ARG A 23 3.69 1.66 25.68
CA ARG A 23 3.91 2.99 26.24
C ARG A 23 5.39 3.19 26.52
N ASN A 24 5.94 4.30 26.02
CA ASN A 24 7.33 4.68 26.25
C ASN A 24 7.42 5.26 27.66
N LYS A 25 8.18 4.60 28.55
CA LYS A 25 8.13 4.97 29.95
C LYS A 25 8.85 6.28 30.23
N LEU A 26 9.72 6.70 29.31
CA LEU A 26 10.50 7.90 29.49
C LEU A 26 9.70 9.12 29.09
N THR A 27 8.93 9.00 28.01
CA THR A 27 8.19 10.12 27.43
C THR A 27 6.69 10.07 27.68
N GLY A 28 6.15 8.94 28.14
CA GLY A 28 4.70 8.80 28.23
C GLY A 28 4.02 8.51 26.91
N GLU A 29 4.78 8.47 25.82
CA GLU A 29 4.23 8.34 24.48
C GLU A 29 3.64 6.95 24.29
N VAL A 30 2.49 6.88 23.62
CA VAL A 30 1.93 5.63 23.12
C VAL A 30 2.40 5.42 21.69
N VAL A 31 2.96 4.23 21.43
CA VAL A 31 3.63 3.90 20.16
C VAL A 31 3.21 2.52 19.69
N ALA A 32 3.54 2.24 18.41
CA ALA A 32 3.53 0.89 17.86
C ALA A 32 4.96 0.37 17.85
N LEU A 33 5.18 -0.75 18.50
CA LEU A 33 6.51 -1.32 18.66
C LEU A 33 6.53 -2.60 17.84
N LYS A 34 7.36 -2.63 16.80
CA LYS A 34 7.47 -3.81 15.94
C LYS A 34 8.76 -4.53 16.31
N LYS A 35 8.64 -5.81 16.65
CA LYS A 35 9.79 -6.64 17.00
C LYS A 35 10.09 -7.56 15.82
N ILE A 36 11.30 -7.47 15.29
CA ILE A 36 11.74 -8.28 14.14
C ILE A 36 12.81 -9.24 14.63
N ARG A 37 12.53 -10.54 14.51
CA ARG A 37 13.46 -11.58 14.90
C ARG A 37 14.42 -11.87 13.76
N LEU A 38 15.70 -12.00 14.09
CA LEU A 38 16.73 -12.19 13.09
C LEU A 38 17.27 -13.63 13.16
N THR A 48 23.95 -2.11 6.44
CA THR A 48 23.08 -2.23 5.28
C THR A 48 21.61 -2.03 5.67
N ALA A 49 20.98 -3.08 6.20
CA ALA A 49 19.64 -2.94 6.77
C ALA A 49 19.62 -1.84 7.83
N ILE A 50 20.60 -1.84 8.73
CA ILE A 50 20.66 -0.78 9.72
C ILE A 50 20.72 0.58 9.03
N ARG A 51 21.48 0.68 7.94
CA ARG A 51 21.63 1.95 7.26
C ARG A 51 20.37 2.31 6.46
N GLU A 52 19.76 1.31 5.81
CA GLU A 52 18.55 1.58 5.05
C GLU A 52 17.41 1.98 5.97
N ILE A 53 17.37 1.40 7.17
CA ILE A 53 16.37 1.79 8.14
C ILE A 53 16.65 3.19 8.66
N SER A 54 17.92 3.48 8.97
CA SER A 54 18.29 4.82 9.43
C SER A 54 17.84 5.89 8.43
N LEU A 55 17.93 5.60 7.13
CA LEU A 55 17.44 6.52 6.12
C LEU A 55 15.94 6.74 6.25
N LEU A 56 15.18 5.67 6.50
CA LEU A 56 13.73 5.82 6.65
C LEU A 56 13.39 6.75 7.81
N LYS A 57 14.29 6.86 8.80
CA LYS A 57 14.03 7.73 9.94
C LYS A 57 13.94 9.19 9.53
N GLU A 58 14.62 9.57 8.45
CA GLU A 58 14.60 10.95 8.00
C GLU A 58 13.52 11.23 6.98
N LEU A 59 12.78 10.20 6.59
CA LEU A 59 11.77 10.33 5.54
C LEU A 59 10.45 10.71 6.22
N ASN A 60 10.34 11.98 6.58
CA ASN A 60 9.27 12.50 7.43
C ASN A 60 8.26 13.28 6.58
N HIS A 61 6.98 12.92 6.67
CA HIS A 61 5.92 13.60 5.94
C HIS A 61 4.60 13.39 6.66
N PRO A 62 3.67 14.34 6.56
CA PRO A 62 2.40 14.20 7.30
C PRO A 62 1.61 12.96 6.93
N ASN A 63 1.79 12.42 5.72
CA ASN A 63 1.07 11.25 5.26
C ASN A 63 1.90 9.99 5.31
N ILE A 64 2.97 9.99 6.10
CA ILE A 64 3.82 8.82 6.32
C ILE A 64 3.90 8.58 7.81
N VAL A 65 3.54 7.38 8.24
CA VAL A 65 3.63 7.10 9.67
C VAL A 65 5.07 7.26 10.12
N LYS A 66 5.29 8.09 11.15
CA LYS A 66 6.65 8.45 11.55
C LYS A 66 7.36 7.28 12.22
N LEU A 67 8.56 6.99 11.77
CA LEU A 67 9.44 6.07 12.46
C LEU A 67 10.16 6.87 13.56
N LEU A 68 9.77 6.64 14.81
CA LEU A 68 10.24 7.48 15.91
C LEU A 68 11.64 7.13 16.32
N ASP A 69 11.94 5.84 16.37
CA ASP A 69 13.16 5.35 16.99
C ASP A 69 13.46 4.02 16.33
N VAL A 70 14.74 3.70 16.28
CA VAL A 70 15.19 2.40 15.82
C VAL A 70 16.12 1.89 16.91
N ILE A 71 15.81 0.72 17.46
CA ILE A 71 16.61 0.13 18.54
C ILE A 71 17.20 -1.17 18.04
N HIS A 72 18.53 -1.24 18.01
CA HIS A 72 19.23 -2.45 17.65
C HIS A 72 19.95 -2.95 18.91
N THR A 73 19.52 -4.12 19.40
CA THR A 73 20.07 -4.75 20.60
C THR A 73 19.93 -6.26 20.43
N GLU A 74 20.94 -7.00 20.90
CA GLU A 74 20.91 -8.47 20.87
C GLU A 74 20.79 -8.93 19.42
N ASN A 75 20.03 -10.00 19.14
CA ASN A 75 19.72 -10.47 17.80
C ASN A 75 18.36 -9.97 17.31
N LYS A 76 17.82 -8.94 17.96
CA LYS A 76 16.51 -8.42 17.63
C LYS A 76 16.62 -6.96 17.16
N LEU A 77 15.75 -6.59 16.25
CA LEU A 77 15.61 -5.22 15.80
C LEU A 77 14.22 -4.76 16.19
N TYR A 78 14.14 -3.62 16.87
CA TYR A 78 12.84 -3.02 17.21
C TYR A 78 12.69 -1.70 16.49
N LEU A 79 11.53 -1.52 15.83
CA LEU A 79 11.15 -0.26 15.21
C LEU A 79 10.00 0.32 16.01
N VAL A 80 10.14 1.58 16.41
CA VAL A 80 9.11 2.27 17.19
C VAL A 80 8.46 3.27 16.27
N PHE A 81 7.15 3.13 16.07
CA PHE A 81 6.38 3.97 15.17
C PHE A 81 5.37 4.80 15.93
N GLU A 82 5.03 5.95 15.36
CA GLU A 82 3.82 6.66 15.74
C GLU A 82 2.63 5.71 15.71
N PHE A 83 1.74 5.83 16.67
CA PHE A 83 0.58 4.96 16.79
C PHE A 83 -0.63 5.67 16.20
N LEU A 84 -1.38 4.97 15.35
CA LEU A 84 -2.68 5.43 14.91
C LEU A 84 -3.72 4.40 15.29
N HIS A 85 -4.96 4.84 15.42
CA HIS A 85 -5.94 3.95 16.06
C HIS A 85 -6.66 2.98 15.15
N GLN A 86 -6.65 3.18 13.83
CA GLN A 86 -7.35 2.22 12.99
C GLN A 86 -6.65 2.15 11.65
N ASP A 87 -6.89 1.06 10.93
CA ASP A 87 -6.45 0.96 9.53
C ASP A 87 -7.62 1.02 8.58
N LEU A 88 -7.27 1.21 7.31
CA LEU A 88 -8.30 1.32 6.27
C LEU A 88 -9.08 0.02 6.10
N LYS A 89 -8.47 -1.15 6.33
CA LYS A 89 -9.20 -2.41 6.21
C LYS A 89 -10.36 -2.44 7.17
N LYS A 90 -10.11 -2.08 8.44
CA LYS A 90 -11.17 -2.08 9.45
C LYS A 90 -12.22 -1.02 9.13
N PHE A 91 -11.78 0.16 8.68
CA PHE A 91 -12.71 1.22 8.33
C PHE A 91 -13.57 0.81 7.15
N MET A 92 -12.99 0.17 6.14
CA MET A 92 -13.82 -0.29 5.03
C MET A 92 -14.83 -1.34 5.47
N ASP A 93 -14.41 -2.27 6.33
CA ASP A 93 -15.35 -3.28 6.81
C ASP A 93 -16.49 -2.65 7.59
N ALA A 94 -16.19 -1.64 8.43
CA ALA A 94 -17.21 -0.93 9.21
C ALA A 94 -18.15 -0.15 8.31
N SER A 95 -17.67 0.30 7.16
CA SER A 95 -18.41 1.13 6.22
C SER A 95 -19.05 0.31 5.10
N ALA A 96 -19.09 -1.02 5.22
CA ALA A 96 -19.43 -1.83 4.06
C ALA A 96 -20.91 -1.74 3.70
N LEU A 97 -21.78 -1.48 4.68
CA LEU A 97 -23.21 -1.45 4.38
C LEU A 97 -23.57 -0.18 3.61
N THR A 98 -22.92 0.92 3.94
CA THR A 98 -23.25 2.23 3.39
C THR A 98 -22.25 2.72 2.37
N GLY A 99 -21.00 2.26 2.44
CA GLY A 99 -19.94 2.79 1.62
C GLY A 99 -19.25 3.99 2.24
N ILE A 100 -17.95 4.09 2.06
CA ILE A 100 -17.25 5.33 2.41
C ILE A 100 -17.75 6.43 1.48
N PRO A 101 -18.13 7.59 2.00
CA PRO A 101 -18.60 8.66 1.12
C PRO A 101 -17.52 9.09 0.15
N LEU A 102 -17.96 9.39 -1.08
CA LEU A 102 -17.03 9.79 -2.11
C LEU A 102 -16.09 10.90 -1.67
N PRO A 103 -16.53 11.94 -0.97
CA PRO A 103 -15.60 12.99 -0.62
C PRO A 103 -14.45 12.49 0.27
N LEU A 104 -14.75 11.55 1.17
CA LEU A 104 -13.71 10.97 2.03
C LEU A 104 -12.80 10.04 1.23
N ILE A 105 -13.35 9.24 0.31
CA ILE A 105 -12.50 8.46 -0.61
C ILE A 105 -11.53 9.38 -1.32
N LYS A 106 -12.06 10.48 -1.89
CA LYS A 106 -11.25 11.43 -2.62
C LYS A 106 -10.15 12.01 -1.74
N SER A 107 -10.50 12.39 -0.50
CA SER A 107 -9.52 12.97 0.40
C SER A 107 -8.41 11.98 0.73
N TYR A 108 -8.80 10.74 1.03
CA TYR A 108 -7.81 9.70 1.34
C TYR A 108 -6.91 9.45 0.14
N LEU A 109 -7.48 9.34 -1.08
CA LEU A 109 -6.64 9.09 -2.25
C LEU A 109 -5.67 10.25 -2.49
N PHE A 110 -6.14 11.46 -2.34
CA PHE A 110 -5.30 12.65 -2.49
C PHE A 110 -4.16 12.65 -1.51
N GLN A 111 -4.47 12.38 -0.24
CA GLN A 111 -3.44 12.40 0.77
C GLN A 111 -2.42 11.30 0.56
N LEU A 112 -2.87 10.11 0.18
CA LEU A 112 -1.92 9.05 -0.09
C LEU A 112 -1.05 9.38 -1.30
N LEU A 113 -1.62 10.01 -2.34
CA LEU A 113 -0.77 10.44 -3.45
C LEU A 113 0.22 11.50 -3.03
N GLN A 114 -0.11 12.37 -2.07
CA GLN A 114 0.88 13.30 -1.57
C GLN A 114 2.03 12.56 -0.90
N GLY A 115 1.71 11.56 -0.07
CA GLY A 115 2.72 10.76 0.60
C GLY A 115 3.60 10.04 -0.40
N LEU A 116 2.98 9.44 -1.43
CA LEU A 116 3.75 8.74 -2.46
C LEU A 116 4.60 9.71 -3.27
N ALA A 117 4.07 10.89 -3.63
CA ALA A 117 4.90 11.84 -4.36
C ALA A 117 6.14 12.22 -3.57
N PHE A 118 6.00 12.39 -2.25
CA PHE A 118 7.14 12.71 -1.42
C PHE A 118 8.16 11.58 -1.39
N CYS A 119 7.72 10.37 -1.05
CA CYS A 119 8.68 9.25 -0.97
CA CYS A 119 8.72 9.31 -0.95
C CYS A 119 9.33 8.98 -2.31
N HIS A 120 8.52 8.99 -3.38
CA HIS A 120 9.07 8.71 -4.69
C HIS A 120 10.08 9.75 -5.12
N SER A 121 9.86 11.02 -4.73
CA SER A 121 10.81 12.08 -5.01
C SER A 121 12.15 11.88 -4.30
N HIS A 122 12.14 11.10 -3.22
CA HIS A 122 13.37 10.72 -2.52
C HIS A 122 13.83 9.32 -2.88
N ARG A 123 13.26 8.75 -3.94
CA ARG A 123 13.67 7.46 -4.49
C ARG A 123 13.39 6.28 -3.54
N VAL A 124 12.33 6.38 -2.74
CA VAL A 124 11.94 5.35 -1.80
C VAL A 124 10.61 4.78 -2.28
N LEU A 125 10.55 3.46 -2.45
CA LEU A 125 9.32 2.77 -2.82
C LEU A 125 8.74 2.10 -1.59
N HIS A 126 7.42 1.97 -1.59
CA HIS A 126 6.79 1.19 -0.53
C HIS A 126 6.84 -0.29 -0.87
N ARG A 127 6.33 -0.65 -2.04
CA ARG A 127 6.40 -1.99 -2.64
C ARG A 127 5.30 -2.94 -2.17
N ASP A 128 4.60 -2.64 -1.06
CA ASP A 128 3.61 -3.58 -0.54
C ASP A 128 2.42 -2.83 0.06
N LEU A 129 1.88 -1.84 -0.66
CA LEU A 129 0.70 -1.14 -0.16
C LEU A 129 -0.52 -2.06 -0.14
N LYS A 130 -1.29 -1.93 0.94
CA LYS A 130 -2.51 -2.69 1.12
C LYS A 130 -3.30 -1.98 2.19
N PRO A 131 -4.60 -2.24 2.28
CA PRO A 131 -5.40 -1.49 3.26
C PRO A 131 -4.86 -1.56 4.68
N GLN A 132 -4.22 -2.67 5.06
CA GLN A 132 -3.72 -2.82 6.42
C GLN A 132 -2.52 -1.94 6.70
N ASN A 133 -1.82 -1.44 5.68
CA ASN A 133 -0.75 -0.50 5.99
C ASN A 133 -1.12 0.94 5.68
N LEU A 134 -2.41 1.24 5.61
CA LEU A 134 -2.88 2.59 5.48
C LEU A 134 -3.64 2.92 6.74
N LEU A 135 -3.11 3.84 7.54
CA LEU A 135 -3.60 4.07 8.89
C LEU A 135 -4.29 5.42 8.98
N ILE A 136 -5.38 5.47 9.76
CA ILE A 136 -6.20 6.67 9.80
C ILE A 136 -6.39 7.17 11.23
N ASN A 137 -6.72 8.45 11.32
CA ASN A 137 -7.02 9.04 12.64
C ASN A 137 -8.34 9.81 12.60
N THR A 138 -8.70 10.38 13.76
CA THR A 138 -10.00 11.04 13.88
C THR A 138 -10.10 12.34 13.12
N GLU A 139 -8.99 12.92 12.71
CA GLU A 139 -8.98 14.23 12.10
C GLU A 139 -9.17 14.14 10.60
N GLY A 140 -9.27 12.94 10.04
CA GLY A 140 -9.39 12.84 8.61
C GLY A 140 -8.10 12.54 7.90
N ALA A 141 -7.01 12.32 8.59
CA ALA A 141 -5.74 12.02 7.93
C ALA A 141 -5.64 10.53 7.66
N ILE A 142 -4.87 10.20 6.62
CA ILE A 142 -4.50 8.81 6.32
C ILE A 142 -3.00 8.77 6.02
N LYS A 143 -2.33 7.71 6.48
CA LYS A 143 -0.87 7.68 6.42
C LYS A 143 -0.37 6.33 5.97
N LEU A 144 0.71 6.35 5.20
CA LEU A 144 1.35 5.14 4.71
C LEU A 144 2.27 4.60 5.80
N ALA A 145 2.14 3.30 6.07
CA ALA A 145 2.93 2.66 7.10
C ALA A 145 3.74 1.52 6.51
N ASP A 146 4.86 1.24 7.19
CA ASP A 146 5.62 0.00 7.05
C ASP A 146 6.21 -0.18 5.66
N PHE A 147 6.98 0.81 5.25
CA PHE A 147 7.70 0.75 3.98
C PHE A 147 8.53 -0.51 3.85
N GLY A 148 8.37 -1.21 2.71
CA GLY A 148 9.13 -2.41 2.44
C GLY A 148 10.49 -2.11 1.85
N LEU A 149 11.52 -2.76 2.40
CA LEU A 149 12.88 -2.67 1.90
C LEU A 149 13.15 -3.91 1.05
N ALA A 150 12.94 -3.78 -0.27
CA ALA A 150 13.20 -4.91 -1.16
C ALA A 150 14.69 -5.08 -1.41
N ARG A 151 15.46 -3.99 -1.36
CA ARG A 151 16.90 -4.07 -1.62
C ARG A 151 17.71 -4.54 -0.41
N ALA A 152 17.22 -4.29 0.80
CA ALA A 152 17.87 -4.75 2.02
C ALA A 152 16.82 -5.06 3.07
N PHE A 153 17.28 -5.60 4.20
CA PHE A 153 16.43 -6.04 5.30
C PHE A 153 16.09 -7.51 5.16
N GLY A 154 15.06 -7.98 5.89
CA GLY A 154 14.72 -9.39 5.91
C GLY A 154 15.26 -10.08 7.15
N VAL A 155 14.48 -11.00 7.73
CA VAL A 155 14.90 -11.69 8.95
C VAL A 155 14.11 -12.99 9.12
N PRO A 156 14.41 -13.80 10.14
CA PRO A 156 13.72 -15.08 10.29
C PRO A 156 12.22 -14.90 10.54
N VAL A 157 11.44 -15.82 9.99
CA VAL A 157 9.99 -15.82 10.16
C VAL A 157 9.49 -17.04 10.91
N ARG A 158 10.39 -17.90 11.39
CA ARG A 158 9.97 -19.13 12.08
C ARG A 158 9.02 -18.83 13.23
N THR A 159 9.47 -18.03 14.20
CA THR A 159 8.58 -17.63 15.29
C THR A 159 7.35 -16.90 14.76
N TYR A 160 7.49 -16.17 13.66
CA TYR A 160 6.34 -15.47 13.07
C TYR A 160 5.27 -16.46 12.64
N THR A 161 4.04 -16.24 13.10
CA THR A 161 2.95 -17.16 12.82
C THR A 161 2.73 -17.29 11.32
N HIS A 162 2.17 -18.44 10.93
CA HIS A 162 1.85 -18.68 9.53
C HIS A 162 1.09 -17.49 8.96
N GLU A 163 1.56 -17.00 7.82
CA GLU A 163 1.03 -15.77 7.23
C GLU A 163 1.15 -15.87 5.72
N VAL A 164 0.00 -15.86 5.04
CA VAL A 164 -0.04 -15.90 3.58
C VAL A 164 0.03 -14.47 3.05
N VAL A 165 1.04 -14.19 2.24
CA VAL A 165 1.22 -12.85 1.70
C VAL A 165 0.13 -12.54 0.69
N THR A 166 -0.56 -11.41 0.89
CA THR A 166 -1.61 -11.02 -0.01
C THR A 166 -1.02 -10.53 -1.33
N LEU A 167 -1.56 -11.02 -2.43
CA LEU A 167 -1.13 -10.64 -3.76
C LEU A 167 -2.05 -9.64 -4.40
N TRP A 168 -3.14 -9.23 -3.74
CA TRP A 168 -4.23 -8.58 -4.44
C TRP A 168 -3.83 -7.24 -5.01
N TYR A 169 -2.79 -6.60 -4.46
CA TYR A 169 -2.41 -5.25 -4.85
C TYR A 169 -1.10 -5.23 -5.63
N ARG A 170 -0.58 -6.39 -6.01
CA ARG A 170 0.71 -6.50 -6.68
C ARG A 170 0.62 -6.10 -8.15
N ALA A 171 1.55 -5.23 -8.60
CA ALA A 171 1.61 -4.76 -9.97
C ALA A 171 2.00 -5.90 -10.92
N PRO A 172 1.54 -5.82 -12.17
CA PRO A 172 1.74 -6.94 -13.08
C PRO A 172 3.23 -7.14 -13.40
N GLU A 173 4.02 -6.08 -13.42
CA GLU A 173 5.44 -6.26 -13.70
C GLU A 173 6.12 -7.07 -12.62
N ILE A 174 5.64 -7.00 -11.36
CA ILE A 174 6.21 -7.83 -10.32
C ILE A 174 5.78 -9.27 -10.51
N LEU A 175 4.51 -9.49 -10.85
CA LEU A 175 4.03 -10.84 -11.06
C LEU A 175 4.69 -11.52 -12.25
N LEU A 176 5.12 -10.74 -13.24
CA LEU A 176 5.79 -11.20 -14.44
C LEU A 176 7.29 -11.31 -14.27
N GLY A 177 7.80 -11.07 -13.07
CA GLY A 177 9.17 -11.43 -12.75
C GLY A 177 10.20 -10.33 -12.89
N CYS A 178 9.77 -9.08 -13.05
CA CYS A 178 10.72 -7.99 -13.12
C CYS A 178 11.29 -7.80 -11.72
N LYS A 179 12.61 -7.74 -11.62
CA LYS A 179 13.26 -7.54 -10.33
C LYS A 179 13.67 -6.10 -10.10
N TYR A 180 13.65 -5.25 -11.13
CA TYR A 180 14.16 -3.90 -11.04
C TYR A 180 13.04 -2.92 -11.34
N TYR A 181 11.94 -3.08 -10.63
CA TYR A 181 10.73 -2.33 -10.90
C TYR A 181 10.79 -0.94 -10.26
N SER A 182 9.81 -0.12 -10.57
CA SER A 182 9.87 1.31 -10.30
C SER A 182 8.82 1.74 -9.28
N THR A 183 8.82 3.06 -9.04
CA THR A 183 7.79 3.69 -8.22
C THR A 183 6.39 3.42 -8.73
N ALA A 184 6.24 3.10 -10.01
CA ALA A 184 4.94 2.77 -10.56
C ALA A 184 4.24 1.60 -9.87
N VAL A 185 4.97 0.71 -9.20
CA VAL A 185 4.25 -0.39 -8.54
C VAL A 185 3.36 0.15 -7.41
N ASP A 186 3.77 1.24 -6.76
CA ASP A 186 2.95 1.83 -5.69
C ASP A 186 1.68 2.48 -6.23
N ILE A 187 1.76 3.11 -7.42
CA ILE A 187 0.55 3.67 -8.02
C ILE A 187 -0.42 2.57 -8.38
N TRP A 188 0.07 1.45 -8.94
CA TRP A 188 -0.83 0.32 -9.20
C TRP A 188 -1.56 -0.09 -7.92
N SER A 189 -0.81 -0.35 -6.84
CA SER A 189 -1.46 -0.81 -5.62
C SER A 189 -2.52 0.18 -5.15
N LEU A 190 -2.17 1.46 -5.16
CA LEU A 190 -3.11 2.49 -4.74
C LEU A 190 -4.32 2.55 -5.64
N GLY A 191 -4.15 2.33 -6.94
CA GLY A 191 -5.33 2.26 -7.80
C GLY A 191 -6.26 1.11 -7.41
N CYS A 192 -5.70 -0.04 -7.10
CA CYS A 192 -6.51 -1.18 -6.64
C CYS A 192 -7.26 -0.83 -5.36
N ILE A 193 -6.60 -0.11 -4.44
CA ILE A 193 -7.24 0.28 -3.20
C ILE A 193 -8.35 1.30 -3.45
N PHE A 194 -8.11 2.28 -4.33
CA PHE A 194 -9.14 3.25 -4.73
C PHE A 194 -10.38 2.52 -5.23
N ALA A 195 -10.19 1.56 -6.15
CA ALA A 195 -11.33 0.78 -6.68
C ALA A 195 -12.08 0.06 -5.57
N GLU A 196 -11.36 -0.50 -4.61
CA GLU A 196 -11.98 -1.25 -3.53
C GLU A 196 -12.78 -0.35 -2.59
N MET A 197 -12.27 0.88 -2.33
CA MET A 197 -13.05 1.82 -1.51
C MET A 197 -14.36 2.16 -2.22
N VAL A 198 -14.32 2.34 -3.55
CA VAL A 198 -15.51 2.76 -4.29
C VAL A 198 -16.55 1.63 -4.37
N THR A 199 -16.11 0.42 -4.72
CA THR A 199 -17.06 -0.65 -4.97
C THR A 199 -17.34 -1.51 -3.77
N ARG A 200 -16.53 -1.41 -2.71
CA ARG A 200 -16.66 -2.24 -1.51
C ARG A 200 -16.36 -3.71 -1.76
N ARG A 201 -15.57 -4.02 -2.81
CA ARG A 201 -15.03 -5.35 -3.05
C ARG A 201 -13.63 -5.20 -3.63
N ALA A 202 -12.75 -6.13 -3.27
CA ALA A 202 -11.40 -6.11 -3.82
C ALA A 202 -11.49 -6.18 -5.34
N LEU A 203 -10.62 -5.44 -6.00
CA LEU A 203 -10.61 -5.43 -7.47
C LEU A 203 -10.12 -6.75 -8.03
N PHE A 204 -8.96 -7.22 -7.56
CA PHE A 204 -8.29 -8.41 -8.07
C PHE A 204 -7.90 -9.33 -6.92
N PRO A 205 -8.85 -10.10 -6.35
CA PRO A 205 -8.52 -10.93 -5.19
C PRO A 205 -7.99 -12.30 -5.57
N GLY A 206 -6.76 -12.32 -6.10
CA GLY A 206 -6.13 -13.59 -6.44
C GLY A 206 -5.58 -14.32 -5.23
N ASP A 207 -5.54 -15.66 -5.36
CA ASP A 207 -5.08 -16.55 -4.28
C ASP A 207 -3.81 -17.32 -4.68
N SER A 208 -3.20 -16.95 -5.79
CA SER A 208 -1.90 -17.46 -6.24
C SER A 208 -1.39 -16.49 -7.27
N GLU A 209 -0.10 -16.62 -7.62
CA GLU A 209 0.46 -15.64 -8.55
C GLU A 209 -0.25 -15.71 -9.89
N ILE A 210 -0.54 -16.92 -10.38
CA ILE A 210 -1.15 -17.02 -11.71
C ILE A 210 -2.60 -16.61 -11.65
N ASP A 211 -3.30 -16.92 -10.56
CA ASP A 211 -4.69 -16.48 -10.42
C ASP A 211 -4.74 -14.96 -10.33
N GLN A 212 -3.77 -14.36 -9.63
CA GLN A 212 -3.68 -12.91 -9.59
C GLN A 212 -3.46 -12.31 -10.97
N LEU A 213 -2.50 -12.87 -11.74
CA LEU A 213 -2.24 -12.38 -13.09
C LEU A 213 -3.45 -12.54 -13.98
N PHE A 214 -4.07 -13.71 -13.95
CA PHE A 214 -5.18 -13.96 -14.85
C PHE A 214 -6.41 -13.15 -14.47
N ARG A 215 -6.60 -12.83 -13.17
CA ARG A 215 -7.71 -11.93 -12.81
C ARG A 215 -7.47 -10.54 -13.34
N ILE A 216 -6.23 -10.08 -13.32
CA ILE A 216 -5.90 -8.80 -13.95
C ILE A 216 -6.17 -8.88 -15.45
N PHE A 217 -5.70 -9.92 -16.10
CA PHE A 217 -5.90 -10.04 -17.56
C PHE A 217 -7.38 -10.08 -17.92
N ARG A 218 -8.20 -10.77 -17.13
CA ARG A 218 -9.62 -10.91 -17.48
C ARG A 218 -10.36 -9.59 -17.41
N THR A 219 -9.89 -8.63 -16.61
CA THR A 219 -10.50 -7.32 -16.49
C THR A 219 -9.87 -6.32 -17.46
N LEU A 220 -8.54 -6.25 -17.49
CA LEU A 220 -7.86 -5.21 -18.26
C LEU A 220 -7.41 -5.69 -19.64
N GLY A 221 -7.66 -6.94 -19.98
CA GLY A 221 -7.22 -7.58 -21.22
C GLY A 221 -5.83 -8.16 -21.08
N THR A 222 -5.53 -9.24 -21.79
CA THR A 222 -4.17 -9.82 -21.72
C THR A 222 -3.24 -8.83 -22.39
N PRO A 223 -2.18 -8.40 -21.74
CA PRO A 223 -1.32 -7.37 -22.35
C PRO A 223 -0.56 -7.96 -23.52
N ASP A 224 -0.22 -7.09 -24.47
CA ASP A 224 0.54 -7.46 -25.65
C ASP A 224 1.54 -6.34 -25.91
N GLU A 225 2.30 -6.48 -26.99
CA GLU A 225 3.31 -5.49 -27.29
C GLU A 225 2.73 -4.15 -27.71
N VAL A 226 1.45 -4.13 -28.12
CA VAL A 226 0.84 -2.86 -28.49
C VAL A 226 0.70 -1.99 -27.26
N VAL A 227 0.10 -2.53 -26.20
CA VAL A 227 -0.15 -1.73 -25.03
C VAL A 227 1.03 -1.70 -24.08
N TRP A 228 1.93 -2.68 -24.15
CA TRP A 228 3.03 -2.81 -23.19
C TRP A 228 4.27 -3.30 -23.93
N PRO A 229 4.99 -2.41 -24.60
CA PRO A 229 6.20 -2.82 -25.31
C PRO A 229 7.14 -3.52 -24.36
N GLY A 230 7.58 -4.69 -24.78
CA GLY A 230 8.48 -5.51 -23.99
C GLY A 230 7.80 -6.52 -23.11
N VAL A 231 6.47 -6.53 -23.01
CA VAL A 231 5.82 -7.47 -22.10
C VAL A 231 6.17 -8.91 -22.46
N THR A 232 6.30 -9.20 -23.77
CA THR A 232 6.49 -10.60 -24.16
C THR A 232 7.89 -11.09 -23.87
N SER A 233 8.79 -10.23 -23.42
CA SER A 233 10.13 -10.64 -23.02
C SER A 233 10.35 -10.64 -21.51
N MET A 234 9.30 -10.40 -20.73
CA MET A 234 9.43 -10.39 -19.28
C MET A 234 9.77 -11.81 -18.78
N PRO A 235 10.44 -11.92 -17.61
CA PRO A 235 10.96 -13.24 -17.20
C PRO A 235 9.92 -14.35 -17.13
N ASP A 236 8.73 -14.06 -16.60
CA ASP A 236 7.71 -15.07 -16.40
C ASP A 236 6.59 -14.98 -17.42
N TYR A 237 6.79 -14.22 -18.50
CA TYR A 237 5.76 -14.16 -19.53
C TYR A 237 5.75 -15.47 -20.29
N LYS A 238 4.56 -15.99 -20.56
CA LYS A 238 4.46 -17.17 -21.40
C LYS A 238 3.56 -16.89 -22.59
N PRO A 239 3.98 -17.26 -23.81
CA PRO A 239 3.09 -17.11 -24.99
C PRO A 239 1.79 -17.85 -24.86
N SER A 240 1.75 -18.88 -24.02
CA SER A 240 0.57 -19.72 -23.82
C SER A 240 -0.46 -19.08 -22.86
N PHE A 241 -0.21 -17.87 -22.32
CA PHE A 241 -1.22 -17.16 -21.54
C PHE A 241 -2.48 -17.03 -22.38
N PRO A 242 -3.64 -17.25 -21.79
CA PRO A 242 -4.87 -17.03 -22.56
C PRO A 242 -5.01 -15.56 -22.92
N LYS A 243 -5.70 -15.33 -24.05
CA LYS A 243 -5.94 -13.99 -24.57
C LYS A 243 -7.38 -13.61 -24.24
N TRP A 244 -7.57 -12.73 -23.24
CA TRP A 244 -8.88 -12.20 -22.86
C TRP A 244 -9.01 -10.75 -23.32
N ALA A 245 -10.25 -10.34 -23.65
CA ALA A 245 -10.50 -8.95 -24.03
C ALA A 245 -10.64 -8.04 -22.81
N ARG A 246 -10.27 -6.78 -23.00
CA ARG A 246 -10.42 -5.76 -21.97
C ARG A 246 -11.88 -5.39 -21.75
N GLN A 247 -12.25 -5.18 -20.49
CA GLN A 247 -13.59 -4.73 -20.10
C GLN A 247 -13.60 -3.22 -19.88
N ASP A 248 -14.81 -2.65 -19.83
CA ASP A 248 -14.97 -1.22 -19.66
C ASP A 248 -15.03 -0.86 -18.18
N PHE A 249 -14.34 0.23 -17.81
CA PHE A 249 -14.32 0.67 -16.40
C PHE A 249 -15.69 1.07 -15.87
N SER A 250 -16.63 1.44 -16.74
CA SER A 250 -17.99 1.67 -16.29
C SER A 250 -18.58 0.40 -15.69
N LYS A 251 -18.13 -0.77 -16.17
CA LYS A 251 -18.52 -2.05 -15.59
C LYS A 251 -17.71 -2.42 -14.36
N VAL A 252 -16.49 -1.92 -14.27
CA VAL A 252 -15.53 -2.33 -13.25
C VAL A 252 -15.71 -1.55 -11.94
N VAL A 253 -15.89 -0.24 -12.00
CA VAL A 253 -16.09 0.52 -10.76
C VAL A 253 -17.38 1.33 -10.83
N PRO A 254 -18.49 0.70 -11.21
CA PRO A 254 -19.63 1.39 -11.81
C PRO A 254 -19.94 2.71 -11.14
N PRO A 255 -20.12 2.70 -9.82
CA PRO A 255 -20.66 3.94 -9.20
C PRO A 255 -19.86 5.21 -9.56
N LEU A 256 -18.62 5.08 -10.04
CA LEU A 256 -17.67 6.17 -10.08
C LEU A 256 -17.83 7.00 -11.36
N ASP A 257 -17.66 8.31 -11.21
CA ASP A 257 -17.83 9.24 -12.32
C ASP A 257 -16.62 9.21 -13.26
N GLU A 258 -16.77 9.92 -14.40
CA GLU A 258 -15.77 9.83 -15.45
C GLU A 258 -14.43 10.42 -15.06
N ASP A 259 -14.38 11.40 -14.16
CA ASP A 259 -13.08 11.85 -13.68
C ASP A 259 -12.40 10.74 -12.89
N GLY A 260 -13.14 10.10 -11.98
CA GLY A 260 -12.55 9.00 -11.21
C GLY A 260 -12.11 7.84 -12.08
N ARG A 261 -12.96 7.47 -13.07
CA ARG A 261 -12.63 6.35 -13.96
C ARG A 261 -11.41 6.67 -14.81
N SER A 262 -11.29 7.93 -15.25
CA SER A 262 -10.11 8.34 -16.03
C SER A 262 -8.84 8.21 -15.21
N LEU A 263 -8.85 8.74 -13.98
CA LEU A 263 -7.70 8.64 -13.11
C LEU A 263 -7.36 7.18 -12.82
N LEU A 264 -8.36 6.36 -12.48
CA LEU A 264 -8.08 4.96 -12.18
C LEU A 264 -7.47 4.26 -13.39
N SER A 265 -7.97 4.59 -14.59
CA SER A 265 -7.41 3.96 -15.78
C SER A 265 -5.94 4.28 -15.92
N GLN A 266 -5.54 5.51 -15.60
CA GLN A 266 -4.14 5.89 -15.72
C GLN A 266 -3.28 5.27 -14.62
N MET A 267 -3.85 5.00 -13.47
CA MET A 267 -3.14 4.31 -12.40
C MET A 267 -2.99 2.82 -12.65
N LEU A 268 -3.80 2.26 -13.56
CA LEU A 268 -3.78 0.83 -13.86
C LEU A 268 -3.26 0.54 -15.27
N HIS A 269 -2.55 1.50 -15.85
CA HIS A 269 -1.92 1.19 -17.13
C HIS A 269 -0.93 0.06 -16.96
N TYR A 270 -0.92 -0.86 -17.93
CA TYR A 270 0.01 -1.98 -17.86
C TYR A 270 1.45 -1.51 -17.92
N ASP A 271 1.79 -0.69 -18.90
CA ASP A 271 3.18 -0.27 -19.06
C ASP A 271 3.58 0.65 -17.92
N PRO A 272 4.51 0.28 -17.05
CA PRO A 272 4.85 1.18 -15.92
C PRO A 272 5.32 2.56 -16.39
N ASN A 273 5.86 2.71 -17.60
CA ASN A 273 6.23 4.03 -18.10
C ASN A 273 5.03 4.86 -18.58
N LYS A 274 3.89 4.24 -18.83
CA LYS A 274 2.70 4.99 -19.14
C LYS A 274 1.89 5.29 -17.90
N ARG A 275 2.07 4.51 -16.85
CA ARG A 275 1.29 4.65 -15.64
C ARG A 275 1.55 6.03 -15.02
N ILE A 276 0.47 6.68 -14.57
CA ILE A 276 0.58 8.02 -14.05
C ILE A 276 1.47 8.05 -12.81
N SER A 277 2.26 9.12 -12.67
CA SER A 277 3.02 9.32 -11.45
C SER A 277 2.14 9.93 -10.35
N ALA A 278 2.59 9.82 -9.09
CA ALA A 278 1.83 10.42 -7.99
C ALA A 278 1.67 11.91 -8.22
N LYS A 279 2.75 12.57 -8.65
CA LYS A 279 2.73 14.01 -8.82
C LYS A 279 1.74 14.42 -9.90
N ALA A 280 1.73 13.71 -11.02
CA ALA A 280 0.79 14.01 -12.08
C ALA A 280 -0.63 13.71 -11.66
N ALA A 281 -0.82 12.65 -10.85
CA ALA A 281 -2.15 12.29 -10.39
C ALA A 281 -2.74 13.39 -9.52
N LEU A 282 -1.92 14.08 -8.74
CA LEU A 282 -2.43 15.14 -7.88
C LEU A 282 -3.06 16.27 -8.69
N ALA A 283 -2.64 16.43 -9.93
CA ALA A 283 -3.19 17.45 -10.82
C ALA A 283 -4.40 16.98 -11.61
N HIS A 284 -4.83 15.74 -11.44
CA HIS A 284 -5.93 15.22 -12.26
C HIS A 284 -7.22 15.96 -11.92
N PRO A 285 -8.09 16.18 -12.92
CA PRO A 285 -9.35 16.88 -12.67
C PRO A 285 -10.22 16.25 -11.59
N PHE A 286 -10.04 14.95 -11.28
CA PHE A 286 -10.83 14.32 -10.20
C PHE A 286 -10.65 15.05 -8.88
N PHE A 287 -9.51 15.69 -8.67
CA PHE A 287 -9.26 16.38 -7.41
C PHE A 287 -9.69 17.85 -7.42
N GLN A 288 -10.41 18.30 -8.45
CA GLN A 288 -10.85 19.69 -8.51
C GLN A 288 -11.64 20.11 -7.28
N ASP A 289 -12.48 19.23 -6.74
CA ASP A 289 -13.30 19.58 -5.60
C ASP A 289 -12.86 18.86 -4.33
N VAL A 290 -11.59 18.50 -4.23
CA VAL A 290 -11.17 17.76 -3.04
C VAL A 290 -11.33 18.60 -1.77
N THR A 291 -11.73 17.94 -0.69
CA THR A 291 -11.85 18.51 0.65
C THR A 291 -11.28 17.51 1.63
N LYS A 292 -11.34 17.83 2.94
CA LYS A 292 -10.85 16.94 4.00
C LYS A 292 -11.97 16.69 5.01
N PRO A 293 -12.84 15.71 4.76
CA PRO A 293 -13.92 15.43 5.70
C PRO A 293 -13.42 14.73 6.95
N VAL A 294 -14.27 14.78 7.96
CA VAL A 294 -14.05 14.06 9.25
C VAL A 294 -14.68 12.68 9.11
N PRO A 295 -13.94 11.59 9.33
CA PRO A 295 -14.56 10.27 9.25
C PRO A 295 -15.31 9.96 10.53
N HIS A 296 -16.26 9.03 10.43
CA HIS A 296 -16.94 8.54 11.63
C HIS A 296 -16.20 7.31 12.08
N LEU A 297 -15.36 7.49 13.10
CA LEU A 297 -14.48 6.43 13.59
C LEU A 297 -14.99 6.00 14.95
N ARG A 298 -15.31 4.73 15.06
CA ARG A 298 -15.64 4.10 16.32
C ARG A 298 -14.36 3.47 16.86
N LEU A 299 -13.90 3.93 18.04
CA LEU A 299 -12.65 3.40 18.58
C LEU A 299 -12.84 2.64 19.88
C4 WQ6 B . 1.86 -5.13 9.39
C5 WQ6 B . 3.08 -4.34 9.92
C11 WQ6 B . 2.88 1.23 12.64
C7 WQ6 B . 3.24 -2.28 11.24
C9 WQ6 B . 2.72 -1.07 11.92
C10 WQ6 B . 3.42 0.16 11.99
C12 WQ6 B . 1.62 1.11 13.25
C13 WQ6 B . 1.02 2.20 13.94
C3 WQ6 B . 0.89 -4.03 8.92
C1 WQ6 B . 1.08 -1.64 9.38
C15 WQ6 B . -0.83 0.89 14.42
C17 WQ6 B . 0.89 -0.11 13.22
C18 WQ6 B . 1.47 -1.21 12.54
C2 WQ6 B . 1.07 -3.00 10.05
C20 WQ6 B . -3.03 -0.24 14.72
C21 WQ6 B . -4.13 -0.10 15.77
C22 WQ6 B . -5.18 -1.21 15.59
C24 WQ6 B . -4.73 -1.11 13.10
C25 WQ6 B . -3.68 -0.04 13.35
C29 WQ6 B . -6.96 -3.46 13.58
N14 WQ6 B . -0.17 2.05 14.50
N16 WQ6 B . -0.33 -0.18 13.81
N19 WQ6 B . -2.07 0.82 15.01
N23 WQ6 B . -5.70 -1.23 14.21
N6 WQ6 B . 2.47 -3.12 10.51
O27 WQ6 B . -8.01 -1.56 15.09
O28 WQ6 B . -7.68 -1.16 12.64
O8 WQ6 B . 4.40 -2.60 11.42
S26 WQ6 B . -7.21 -1.73 13.89
#